data_2V3G
#
_entry.id   2V3G
#
_cell.length_a   49.765
_cell.length_b   63.516
_cell.length_c   78.235
_cell.angle_alpha   90.00
_cell.angle_beta   90.00
_cell.angle_gamma   90.00
#
_symmetry.space_group_name_H-M   'P 21 21 21'
#
loop_
_entity.id
_entity.type
_entity.pdbx_description
1 polymer 'ENDOGLUCANASE H'
2 non-polymer beta-D-glucopyranose
3 non-polymer (2R,3S,4R,5R)-5-(HYDROXYMETHYL)PIPERIDINE-2,3,4-TRIOL
4 water water
#
_entity_poly.entity_id   1
_entity_poly.type   'polypeptide(L)'
_entity_poly.pdbx_seq_one_letter_code
;MASNYNSGLKIGAWVGTQPSESAIKSFQELQGRKLDIVHQFINWSTDFSWVRPYADAVYNNGSILMITWEPWEYNTVDIK
NGKADAYITRMAQDMKAYGKEIWLRPLHEANGDWYPWAIGYSSRVNTNETYIAAFRHIVDIFRANGATNVKWVFNVNCDN
VGNGTSYLGHYPGDNYVDYTSIDGYNWGTTQSWGSQWQSFDQVFSRAYQALASINKPIIIAEFASAEIGGNKARWITEAY
NSIRTSYNKVIAAVWFHENKETDWRINSSPEALAAYREAIGAG
;
_entity_poly.pdbx_strand_id   A
#
loop_
_chem_comp.id
_chem_comp.type
_chem_comp.name
_chem_comp.formula
BGC D-saccharide, beta linking beta-D-glucopyranose 'C6 H12 O6'
NOY non-polymer (2R,3S,4R,5R)-5-(HYDROXYMETHYL)PIPERIDINE-2,3,4-TRIOL 'C6 H13 N O4'
#
# COMPACT_ATOMS: atom_id res chain seq x y z
N GLY A 8 -2.38 4.34 18.99
CA GLY A 8 -1.09 4.76 18.40
C GLY A 8 -0.94 4.43 16.92
N LEU A 9 -0.13 5.20 16.21
CA LEU A 9 0.12 5.01 14.79
C LEU A 9 0.74 3.64 14.59
N LYS A 10 0.21 2.84 13.69
CA LYS A 10 0.80 1.52 13.40
CA LYS A 10 0.80 1.53 13.40
C LYS A 10 1.94 1.72 12.41
N ILE A 11 3.06 1.05 12.67
CA ILE A 11 4.25 1.18 11.87
C ILE A 11 4.41 -0.05 11.02
N GLY A 12 4.55 0.14 9.72
CA GLY A 12 4.69 -0.96 8.78
C GLY A 12 5.83 -0.79 7.85
N ALA A 13 6.13 -1.83 7.10
CA ALA A 13 7.06 -1.75 5.97
C ALA A 13 6.86 -2.87 4.98
N TRP A 14 7.12 -2.54 3.72
CA TRP A 14 7.66 -3.50 2.74
C TRP A 14 9.15 -3.49 2.99
N VAL A 15 9.75 -4.65 3.26
CA VAL A 15 11.15 -4.71 3.65
C VAL A 15 12.11 -4.95 2.49
N GLY A 16 11.63 -4.93 1.27
CA GLY A 16 12.48 -4.97 0.09
C GLY A 16 12.68 -6.39 -0.44
N THR A 17 12.17 -7.37 0.29
CA THR A 17 12.21 -8.80 -0.05
CA THR A 17 12.22 -8.78 -0.08
C THR A 17 10.99 -9.42 0.54
N GLN A 18 10.69 -10.66 0.17
CA GLN A 18 9.55 -11.37 0.72
CA GLN A 18 9.48 -11.24 0.73
C GLN A 18 9.72 -11.49 2.22
N PRO A 19 8.68 -11.29 3.02
CA PRO A 19 8.84 -11.23 4.47
C PRO A 19 8.89 -12.59 5.15
N SER A 20 10.01 -13.27 4.99
CA SER A 20 10.34 -14.44 5.78
C SER A 20 10.50 -14.05 7.25
N GLU A 21 10.52 -15.04 8.14
CA GLU A 21 10.78 -14.79 9.53
C GLU A 21 12.04 -13.97 9.69
N SER A 22 13.10 -14.36 9.01
CA SER A 22 14.34 -13.66 9.24
CA SER A 22 14.40 -13.69 9.11
C SER A 22 14.34 -12.27 8.63
N ALA A 23 13.63 -12.04 7.53
CA ALA A 23 13.54 -10.69 6.97
C ALA A 23 12.76 -9.76 7.91
N ILE A 24 11.71 -10.26 8.53
CA ILE A 24 10.93 -9.48 9.46
C ILE A 24 11.78 -9.13 10.68
N LYS A 25 12.41 -10.15 11.27
CA LYS A 25 13.21 -9.92 12.45
C LYS A 25 14.37 -8.98 12.15
N SER A 26 15.00 -9.13 10.99
CA SER A 26 16.09 -8.27 10.60
CA SER A 26 16.11 -8.26 10.66
C SER A 26 15.64 -6.81 10.48
N PHE A 27 14.46 -6.60 9.92
CA PHE A 27 13.97 -5.22 9.78
C PHE A 27 13.64 -4.65 11.14
N GLN A 28 13.12 -5.47 12.07
CA GLN A 28 12.86 -5.00 13.43
C GLN A 28 14.17 -4.61 14.15
N GLU A 29 15.26 -5.34 13.93
CA GLU A 29 16.56 -4.96 14.46
C GLU A 29 17.02 -3.66 13.79
N LEU A 30 16.77 -3.53 12.50
CA LEU A 30 17.18 -2.33 11.77
C LEU A 30 16.47 -1.10 12.29
N GLN A 31 15.14 -1.15 12.37
CA GLN A 31 14.38 0.04 12.79
C GLN A 31 14.25 0.18 14.31
N GLY A 32 14.68 -0.81 15.05
CA GLY A 32 14.67 -0.77 16.50
C GLY A 32 13.30 -0.81 17.13
N ARG A 33 12.36 -1.50 16.48
CA ARG A 33 10.98 -1.53 16.94
C ARG A 33 10.26 -2.66 16.22
N LYS A 34 9.26 -3.21 16.88
CA LYS A 34 8.31 -4.13 16.21
C LYS A 34 7.68 -3.50 14.98
N LEU A 35 7.47 -4.31 13.97
CA LEU A 35 6.61 -3.99 12.86
C LEU A 35 5.21 -4.37 13.18
N ASP A 36 4.29 -3.43 13.15
CA ASP A 36 2.88 -3.73 13.34
C ASP A 36 2.26 -4.33 12.10
N ILE A 37 2.72 -3.88 10.94
CA ILE A 37 2.18 -4.30 9.64
C ILE A 37 3.36 -4.71 8.76
N VAL A 38 3.26 -5.85 8.13
CA VAL A 38 4.23 -6.34 7.17
C VAL A 38 3.59 -6.36 5.82
N HIS A 39 4.23 -5.75 4.84
CA HIS A 39 3.66 -5.59 3.51
C HIS A 39 4.34 -6.51 2.52
N GLN A 40 3.56 -7.21 1.71
CA GLN A 40 4.12 -7.97 0.61
CA GLN A 40 4.04 -8.08 0.64
C GLN A 40 3.29 -7.75 -0.66
N PHE A 41 3.95 -7.96 -1.79
CA PHE A 41 3.34 -7.82 -3.12
C PHE A 41 3.24 -9.18 -3.77
N ILE A 42 2.09 -9.52 -4.31
CA ILE A 42 1.95 -10.73 -5.09
C ILE A 42 1.13 -10.42 -6.34
N ASN A 43 1.23 -11.30 -7.33
CA ASN A 43 0.48 -11.16 -8.57
C ASN A 43 -0.79 -12.06 -8.53
N TRP A 44 -1.48 -12.12 -9.65
CA TRP A 44 -2.73 -12.88 -9.76
C TRP A 44 -2.51 -14.23 -10.43
N SER A 45 -1.29 -14.75 -10.32
CA SER A 45 -1.00 -16.15 -10.62
C SER A 45 -0.26 -16.78 -9.47
N THR A 46 -0.50 -16.26 -8.28
CA THR A 46 0.08 -16.77 -7.03
C THR A 46 -1.04 -17.22 -6.12
N ASP A 47 -1.04 -18.48 -5.76
CA ASP A 47 -2.08 -18.99 -4.86
C ASP A 47 -1.69 -18.79 -3.42
N PHE A 48 -2.65 -18.91 -2.52
CA PHE A 48 -2.39 -18.71 -1.10
C PHE A 48 -1.35 -19.65 -0.55
N SER A 49 -1.25 -20.85 -1.12
CA SER A 49 -0.26 -21.78 -0.65
C SER A 49 1.16 -21.19 -0.69
N TRP A 50 1.44 -20.34 -1.67
CA TRP A 50 2.74 -19.70 -1.75
C TRP A 50 2.88 -18.60 -0.69
N VAL A 51 1.79 -17.91 -0.38
CA VAL A 51 1.78 -16.86 0.62
C VAL A 51 1.90 -17.44 2.04
N ARG A 52 1.32 -18.61 2.26
CA ARG A 52 1.14 -19.13 3.60
C ARG A 52 2.39 -19.10 4.51
N PRO A 53 3.57 -19.55 4.03
N PRO A 53 3.55 -19.55 4.02
CA PRO A 53 4.69 -19.49 4.98
CA PRO A 53 4.75 -19.48 4.87
C PRO A 53 5.10 -18.06 5.38
C PRO A 53 5.06 -18.07 5.39
N TYR A 54 4.85 -17.10 4.51
CA TYR A 54 5.08 -15.71 4.84
C TYR A 54 4.03 -15.21 5.82
N ALA A 55 2.77 -15.52 5.55
CA ALA A 55 1.71 -15.16 6.47
C ALA A 55 1.98 -15.75 7.85
N ASP A 56 2.43 -16.99 7.91
CA ASP A 56 2.70 -17.60 9.21
C ASP A 56 3.80 -16.84 9.95
N ALA A 57 4.85 -16.42 9.25
CA ALA A 57 5.91 -15.64 9.89
C ALA A 57 5.37 -14.32 10.44
N VAL A 58 4.51 -13.63 9.68
CA VAL A 58 3.92 -12.38 10.09
C VAL A 58 3.07 -12.54 11.32
N TYR A 59 2.16 -13.53 11.27
CA TYR A 59 1.27 -13.73 12.43
C TYR A 59 1.99 -14.27 13.64
N ASN A 60 3.02 -15.08 13.44
CA ASN A 60 3.81 -15.59 14.55
C ASN A 60 4.54 -14.45 15.25
N ASN A 61 4.88 -13.40 14.53
CA ASN A 61 5.51 -12.18 15.05
C ASN A 61 4.53 -11.24 15.73
N GLY A 62 3.23 -11.50 15.62
CA GLY A 62 2.23 -10.59 16.20
C GLY A 62 1.93 -9.39 15.33
N SER A 63 2.11 -9.52 14.03
CA SER A 63 1.86 -8.46 13.06
C SER A 63 0.65 -8.79 12.20
N ILE A 64 0.22 -7.80 11.45
CA ILE A 64 -0.81 -7.90 10.41
C ILE A 64 -0.13 -7.96 9.05
N LEU A 65 -0.56 -8.84 8.15
CA LEU A 65 -0.08 -8.89 6.80
C LEU A 65 -0.95 -8.01 5.92
N MET A 66 -0.31 -7.11 5.18
CA MET A 66 -0.97 -6.37 4.12
C MET A 66 -0.40 -6.88 2.80
N ILE A 67 -1.29 -7.36 1.93
CA ILE A 67 -0.89 -7.83 0.62
C ILE A 67 -1.38 -6.88 -0.43
N THR A 68 -0.46 -6.40 -1.27
CA THR A 68 -0.83 -5.71 -2.49
C THR A 68 -0.92 -6.75 -3.58
N TRP A 69 -2.10 -6.88 -4.13
CA TRP A 69 -2.51 -7.98 -4.97
C TRP A 69 -2.68 -7.48 -6.40
N GLU A 70 -1.64 -7.69 -7.20
CA GLU A 70 -1.43 -7.02 -8.48
C GLU A 70 -1.88 -7.86 -9.67
N PRO A 71 -2.98 -7.50 -10.35
CA PRO A 71 -3.48 -8.35 -11.42
C PRO A 71 -2.80 -8.05 -12.76
N TRP A 72 -1.51 -8.34 -12.85
CA TRP A 72 -0.82 -8.28 -14.14
C TRP A 72 -1.49 -9.19 -15.16
N GLU A 73 -2.08 -10.26 -14.62
CA GLU A 73 -2.65 -11.32 -15.44
C GLU A 73 -4.09 -11.12 -15.90
N TYR A 74 -4.78 -10.11 -15.37
CA TYR A 74 -6.19 -9.82 -15.68
C TYR A 74 -6.45 -8.32 -15.49
N ASN A 75 -7.00 -7.66 -16.50
CA ASN A 75 -7.36 -6.24 -16.35
C ASN A 75 -8.79 -6.11 -15.84
N THR A 76 -9.24 -4.89 -15.68
CA THR A 76 -10.53 -4.69 -15.06
C THR A 76 -11.69 -5.31 -15.86
N VAL A 77 -11.60 -5.35 -17.19
CA VAL A 77 -12.65 -5.92 -18.00
C VAL A 77 -12.73 -7.44 -17.77
N ASP A 78 -11.57 -8.08 -17.82
CA ASP A 78 -11.44 -9.50 -17.54
C ASP A 78 -12.06 -9.80 -16.19
N ILE A 79 -11.68 -9.02 -15.20
CA ILE A 79 -12.10 -9.31 -13.84
C ILE A 79 -13.60 -9.11 -13.70
N LYS A 80 -14.12 -7.98 -14.18
CA LYS A 80 -15.56 -7.65 -14.15
CA LYS A 80 -15.56 -7.73 -14.01
C LYS A 80 -16.39 -8.73 -14.80
N ASN A 81 -15.88 -9.29 -15.87
CA ASN A 81 -16.59 -10.29 -16.66
C ASN A 81 -16.51 -11.68 -16.09
N GLY A 82 -15.75 -11.86 -15.02
CA GLY A 82 -15.69 -13.14 -14.32
C GLY A 82 -14.60 -14.07 -14.78
N LYS A 83 -13.71 -13.58 -15.64
CA LYS A 83 -12.68 -14.44 -16.23
C LYS A 83 -11.60 -14.88 -15.24
N ALA A 84 -11.48 -14.20 -14.11
CA ALA A 84 -10.53 -14.57 -13.05
C ALA A 84 -11.21 -15.25 -11.89
N ASP A 85 -12.49 -15.59 -12.03
CA ASP A 85 -13.23 -15.99 -10.84
C ASP A 85 -12.74 -17.26 -10.19
N ALA A 86 -12.25 -18.23 -10.97
CA ALA A 86 -11.72 -19.45 -10.33
C ALA A 86 -10.57 -19.12 -9.39
N TYR A 87 -9.67 -18.28 -9.86
CA TYR A 87 -8.52 -17.84 -9.09
C TYR A 87 -8.93 -17.04 -7.86
N ILE A 88 -9.85 -16.08 -8.05
CA ILE A 88 -10.32 -15.29 -6.93
C ILE A 88 -10.97 -16.16 -5.88
N THR A 89 -11.80 -17.09 -6.33
CA THR A 89 -12.54 -17.95 -5.44
C THR A 89 -11.61 -18.82 -4.59
N ARG A 90 -10.59 -19.38 -5.21
CA ARG A 90 -9.63 -20.18 -4.43
C ARG A 90 -8.93 -19.31 -3.38
N MET A 91 -8.54 -18.09 -3.74
CA MET A 91 -7.89 -17.20 -2.79
C MET A 91 -8.82 -16.92 -1.62
N ALA A 92 -10.09 -16.65 -1.90
CA ALA A 92 -11.08 -16.37 -0.85
C ALA A 92 -11.24 -17.56 0.08
N GLN A 93 -11.38 -18.74 -0.53
CA GLN A 93 -11.52 -19.97 0.28
C GLN A 93 -10.32 -20.21 1.16
N ASP A 94 -9.14 -20.04 0.58
CA ASP A 94 -7.92 -20.25 1.34
C ASP A 94 -7.72 -19.21 2.44
N MET A 95 -8.03 -17.96 2.16
CA MET A 95 -7.91 -16.94 3.19
C MET A 95 -8.94 -17.11 4.29
N LYS A 96 -10.14 -17.54 3.96
CA LYS A 96 -11.13 -17.83 4.99
CA LYS A 96 -11.15 -17.85 4.98
C LYS A 96 -10.64 -18.96 5.89
N ALA A 97 -10.14 -20.03 5.27
CA ALA A 97 -9.65 -21.15 6.03
C ALA A 97 -8.50 -20.73 6.93
N TYR A 98 -7.62 -19.85 6.44
CA TYR A 98 -6.51 -19.34 7.22
C TYR A 98 -6.99 -18.57 8.45
N GLY A 99 -8.03 -17.75 8.27
CA GLY A 99 -8.77 -17.20 9.40
C GLY A 99 -8.30 -15.88 9.96
N LYS A 100 -7.05 -15.55 9.77
CA LYS A 100 -6.45 -14.41 10.44
C LYS A 100 -6.74 -13.14 9.67
N GLU A 101 -6.64 -12.02 10.35
CA GLU A 101 -6.94 -10.68 9.77
CA GLU A 101 -6.98 -10.75 9.73
C GLU A 101 -5.89 -10.34 8.75
N ILE A 102 -6.27 -10.21 7.48
CA ILE A 102 -5.38 -9.85 6.37
C ILE A 102 -5.91 -8.57 5.74
N TRP A 103 -5.04 -7.62 5.48
CA TRP A 103 -5.41 -6.38 4.74
C TRP A 103 -5.04 -6.61 3.28
N LEU A 104 -6.01 -6.51 2.39
CA LEU A 104 -5.81 -6.81 0.99
C LEU A 104 -6.03 -5.56 0.16
N ARG A 105 -5.05 -5.26 -0.67
CA ARG A 105 -5.01 -4.03 -1.47
C ARG A 105 -4.92 -4.42 -2.94
N PRO A 106 -6.06 -4.71 -3.57
CA PRO A 106 -6.08 -5.11 -4.97
C PRO A 106 -6.13 -3.90 -5.88
N LEU A 107 -5.56 -4.01 -7.07
CA LEU A 107 -5.71 -3.01 -8.10
CA LEU A 107 -5.83 -3.00 -8.07
C LEU A 107 -5.35 -1.60 -7.60
N HIS A 108 -4.16 -1.48 -7.05
CA HIS A 108 -3.70 -0.24 -6.45
C HIS A 108 -3.22 0.78 -7.48
N GLU A 109 -3.06 2.02 -7.03
CA GLU A 109 -2.56 3.13 -7.84
C GLU A 109 -3.28 3.22 -9.19
N ALA A 110 -4.61 3.08 -9.17
CA ALA A 110 -5.36 3.08 -10.41
C ALA A 110 -5.58 4.47 -10.98
N ASN A 111 -5.21 5.51 -10.22
CA ASN A 111 -5.18 6.87 -10.73
C ASN A 111 -3.83 7.25 -11.30
N GLY A 112 -2.95 6.28 -11.50
CA GLY A 112 -1.76 6.42 -12.34
C GLY A 112 -1.97 5.85 -13.72
N ASP A 113 -0.86 5.76 -14.43
CA ASP A 113 -0.88 5.28 -15.83
C ASP A 113 0.08 4.14 -16.07
N TRP A 114 0.65 3.56 -15.03
CA TRP A 114 1.70 2.56 -15.18
C TRP A 114 1.26 1.14 -15.00
N TYR A 115 0.10 0.88 -14.44
CA TYR A 115 -0.36 -0.50 -14.28
C TYR A 115 -1.45 -0.80 -15.31
N PRO A 116 -1.51 -2.06 -15.77
CA PRO A 116 -2.46 -2.42 -16.83
C PRO A 116 -3.93 -2.51 -16.40
N TRP A 117 -4.18 -2.30 -15.11
CA TRP A 117 -5.52 -2.18 -14.54
C TRP A 117 -5.87 -0.75 -14.20
N ALA A 118 -4.97 0.19 -14.41
CA ALA A 118 -5.17 1.56 -14.00
C ALA A 118 -6.02 2.34 -15.00
N ILE A 119 -6.77 3.31 -14.50
CA ILE A 119 -7.58 4.15 -15.35
C ILE A 119 -6.73 4.88 -16.37
N GLY A 120 -5.57 5.37 -15.95
CA GLY A 120 -4.70 6.09 -16.86
C GLY A 120 -3.90 5.28 -17.84
N TYR A 121 -3.96 3.96 -17.74
CA TYR A 121 -3.21 3.09 -18.64
C TYR A 121 -3.56 3.34 -20.11
N SER A 122 -2.49 3.35 -20.94
CA SER A 122 -2.52 3.84 -22.34
CA SER A 122 -2.56 3.88 -22.32
C SER A 122 -3.47 3.12 -23.27
N SER A 123 -3.92 1.93 -22.93
CA SER A 123 -4.90 1.32 -23.81
C SER A 123 -6.36 1.80 -23.64
N ARG A 124 -6.66 2.54 -22.57
CA ARG A 124 -7.99 3.09 -22.29
C ARG A 124 -9.03 2.05 -21.89
N VAL A 125 -8.60 0.80 -21.68
CA VAL A 125 -9.56 -0.31 -21.37
C VAL A 125 -10.19 -0.19 -19.99
N ASN A 126 -9.46 0.41 -19.06
CA ASN A 126 -9.98 0.52 -17.70
C ASN A 126 -10.70 1.86 -17.52
N THR A 127 -11.97 1.82 -17.19
CA THR A 127 -12.78 2.98 -16.91
C THR A 127 -13.17 2.95 -15.43
N ASN A 128 -13.71 4.05 -14.92
CA ASN A 128 -14.21 4.01 -13.56
C ASN A 128 -15.19 2.86 -13.41
N GLU A 129 -16.07 2.69 -14.38
CA GLU A 129 -17.12 1.68 -14.29
C GLU A 129 -16.54 0.27 -14.26
N THR A 130 -15.60 -0.02 -15.13
CA THR A 130 -15.04 -1.37 -15.14
C THR A 130 -14.22 -1.61 -13.87
N TYR A 131 -13.50 -0.60 -13.40
CA TYR A 131 -12.74 -0.69 -12.16
C TYR A 131 -13.62 -0.98 -10.98
N ILE A 132 -14.69 -0.21 -10.82
CA ILE A 132 -15.58 -0.39 -9.70
C ILE A 132 -16.24 -1.74 -9.75
N ALA A 133 -16.69 -2.13 -10.93
CA ALA A 133 -17.32 -3.42 -11.07
C ALA A 133 -16.36 -4.54 -10.74
N ALA A 134 -15.10 -4.42 -11.16
CA ALA A 134 -14.09 -5.43 -10.85
C ALA A 134 -13.83 -5.52 -9.34
N PHE A 135 -13.64 -4.38 -8.69
CA PHE A 135 -13.35 -4.32 -7.27
C PHE A 135 -14.50 -4.93 -6.50
N ARG A 136 -15.72 -4.51 -6.83
CA ARG A 136 -16.91 -5.05 -6.15
C ARG A 136 -17.04 -6.55 -6.36
N HIS A 137 -16.71 -7.02 -7.57
CA HIS A 137 -16.84 -8.44 -7.88
C HIS A 137 -15.90 -9.27 -7.01
N ILE A 138 -14.65 -8.79 -6.82
CA ILE A 138 -13.71 -9.44 -5.96
C ILE A 138 -14.27 -9.53 -4.54
N VAL A 139 -14.72 -8.41 -4.00
CA VAL A 139 -15.23 -8.37 -2.64
C VAL A 139 -16.45 -9.29 -2.50
N ASP A 140 -17.34 -9.29 -3.49
CA ASP A 140 -18.50 -10.18 -3.47
C ASP A 140 -18.07 -11.64 -3.31
N ILE A 141 -17.10 -12.08 -4.11
CA ILE A 141 -16.64 -13.47 -4.06
C ILE A 141 -16.08 -13.77 -2.68
N PHE A 142 -15.28 -12.88 -2.14
CA PHE A 142 -14.73 -13.09 -0.79
C PHE A 142 -15.84 -13.24 0.23
N ARG A 143 -16.84 -12.37 0.19
CA ARG A 143 -17.95 -12.45 1.12
C ARG A 143 -18.79 -13.70 0.93
N ALA A 144 -19.00 -14.14 -0.29
CA ALA A 144 -19.73 -15.37 -0.57
C ALA A 144 -19.02 -16.59 0.01
N ASN A 145 -17.72 -16.51 0.17
CA ASN A 145 -16.89 -17.57 0.73
C ASN A 145 -16.55 -17.37 2.20
N GLY A 146 -17.21 -16.42 2.84
CA GLY A 146 -17.09 -16.23 4.27
C GLY A 146 -15.82 -15.56 4.74
N ALA A 147 -15.06 -14.96 3.84
CA ALA A 147 -13.74 -14.42 4.18
C ALA A 147 -13.85 -13.00 4.76
N THR A 148 -14.56 -12.87 5.86
CA THR A 148 -14.77 -11.59 6.49
C THR A 148 -13.57 -11.17 7.34
N ASN A 149 -12.59 -12.05 7.46
CA ASN A 149 -11.29 -11.72 8.02
C ASN A 149 -10.42 -10.85 7.10
N VAL A 150 -10.81 -10.74 5.85
CA VAL A 150 -10.07 -9.96 4.87
C VAL A 150 -10.63 -8.55 4.84
N LYS A 151 -9.76 -7.57 5.06
CA LYS A 151 -10.11 -6.17 5.09
C LYS A 151 -9.66 -5.53 3.79
N TRP A 152 -10.53 -4.72 3.20
CA TRP A 152 -10.32 -4.20 1.86
C TRP A 152 -9.73 -2.80 1.88
N VAL A 153 -8.62 -2.61 1.18
CA VAL A 153 -7.87 -1.35 1.13
C VAL A 153 -7.99 -0.76 -0.26
N PHE A 154 -8.72 0.38 -0.35
CA PHE A 154 -8.77 1.23 -1.52
C PHE A 154 -7.51 2.09 -1.54
N ASN A 155 -7.03 2.47 -2.71
CA ASN A 155 -5.77 3.18 -2.82
C ASN A 155 -5.78 4.22 -3.91
N VAL A 156 -5.04 5.29 -3.65
CA VAL A 156 -4.67 6.26 -4.66
C VAL A 156 -3.18 6.52 -4.62
N ASN A 157 -2.62 6.82 -5.78
CA ASN A 157 -1.34 7.50 -5.86
C ASN A 157 -1.53 8.95 -5.42
N CYS A 158 -0.48 9.55 -4.90
CA CYS A 158 -0.53 10.90 -4.40
C CYS A 158 -0.91 11.92 -5.49
N ASP A 159 -0.56 11.61 -6.74
CA ASP A 159 -0.86 12.43 -7.89
C ASP A 159 -1.66 11.62 -8.89
N ASN A 160 -2.59 12.27 -9.56
CA ASN A 160 -3.28 11.68 -10.74
C ASN A 160 -2.36 11.78 -11.94
N VAL A 161 -2.03 10.66 -12.56
CA VAL A 161 -1.11 10.64 -13.69
C VAL A 161 -1.77 9.89 -14.80
N GLY A 162 -1.96 10.56 -15.93
CA GLY A 162 -2.58 9.95 -17.08
C GLY A 162 -3.99 10.45 -17.32
N ASN A 163 -4.46 10.23 -18.53
CA ASN A 163 -5.78 10.74 -18.90
C ASN A 163 -6.87 10.01 -18.11
N GLY A 164 -7.84 10.79 -17.66
CA GLY A 164 -9.02 10.24 -17.02
C GLY A 164 -8.92 9.91 -15.55
N THR A 165 -7.76 10.19 -14.97
CA THR A 165 -7.50 9.76 -13.59
C THR A 165 -8.03 10.79 -12.60
N SER A 166 -8.42 10.31 -11.43
CA SER A 166 -8.92 11.15 -10.34
C SER A 166 -8.79 10.37 -9.03
N TYR A 167 -8.92 11.08 -7.91
CA TYR A 167 -8.80 10.40 -6.63
C TYR A 167 -9.98 9.49 -6.33
N LEU A 168 -11.20 9.91 -6.73
CA LEU A 168 -12.39 9.24 -6.28
C LEU A 168 -13.29 8.74 -7.39
N GLY A 169 -12.95 8.96 -8.66
CA GLY A 169 -13.81 8.45 -9.72
C GLY A 169 -13.95 6.95 -9.70
N HIS A 170 -12.89 6.27 -9.26
CA HIS A 170 -12.84 4.81 -9.22
C HIS A 170 -13.16 4.25 -7.85
N TYR A 171 -13.63 5.09 -6.92
CA TYR A 171 -13.94 4.62 -5.59
C TYR A 171 -15.15 3.67 -5.61
N PRO A 172 -15.02 2.46 -5.04
CA PRO A 172 -16.08 1.47 -5.19
C PRO A 172 -17.18 1.50 -4.15
N GLY A 173 -17.11 2.44 -3.20
CA GLY A 173 -18.16 2.64 -2.22
C GLY A 173 -17.80 2.14 -0.84
N ASP A 174 -18.33 2.83 0.19
CA ASP A 174 -18.03 2.46 1.58
C ASP A 174 -18.42 1.01 1.91
N ASN A 175 -19.43 0.48 1.22
CA ASN A 175 -19.84 -0.90 1.45
C ASN A 175 -18.84 -1.94 0.96
N TYR A 176 -17.77 -1.49 0.29
CA TYR A 176 -16.76 -2.38 -0.29
C TYR A 176 -15.36 -2.09 0.22
N VAL A 177 -15.22 -1.16 1.18
CA VAL A 177 -13.93 -0.66 1.60
C VAL A 177 -13.86 -0.61 3.11
N ASP A 178 -12.76 -1.09 3.66
CA ASP A 178 -12.47 -0.95 5.08
C ASP A 178 -11.50 0.20 5.36
N TYR A 179 -10.53 0.42 4.49
CA TYR A 179 -9.52 1.45 4.66
C TYR A 179 -9.32 2.10 3.30
N THR A 180 -9.08 3.42 3.29
CA THR A 180 -8.52 4.06 2.12
C THR A 180 -7.01 4.23 2.36
N SER A 181 -6.26 4.59 1.31
CA SER A 181 -4.81 4.63 1.45
C SER A 181 -4.22 5.47 0.34
N ILE A 182 -3.00 5.92 0.60
CA ILE A 182 -2.25 6.76 -0.33
C ILE A 182 -0.83 6.21 -0.43
N ASP A 183 -0.28 6.26 -1.65
CA ASP A 183 1.13 6.01 -1.88
C ASP A 183 1.78 7.30 -2.34
N GLY A 184 3.00 7.57 -1.89
CA GLY A 184 3.68 8.79 -2.34
C GLY A 184 5.14 8.79 -1.96
N TYR A 185 5.95 9.43 -2.79
CA TYR A 185 7.38 9.42 -2.63
C TYR A 185 7.96 10.82 -2.81
N ASN A 186 8.97 11.11 -1.99
CA ASN A 186 9.82 12.28 -2.27
C ASN A 186 10.99 11.79 -3.14
N TRP A 187 10.93 12.09 -4.42
CA TRP A 187 11.91 11.64 -5.40
C TRP A 187 13.21 12.45 -5.33
N GLY A 188 13.20 13.57 -4.62
CA GLY A 188 14.34 14.48 -4.64
C GLY A 188 14.65 14.88 -6.06
N THR A 189 15.93 15.07 -6.35
CA THR A 189 16.37 15.48 -7.67
C THR A 189 16.87 14.29 -8.47
N THR A 190 16.43 13.09 -8.12
CA THR A 190 17.01 11.88 -8.70
C THR A 190 16.58 11.52 -10.10
N GLN A 191 15.47 12.06 -10.58
CA GLN A 191 14.90 11.61 -11.85
C GLN A 191 15.16 12.64 -12.95
N SER A 192 15.56 12.15 -14.12
CA SER A 192 15.77 12.96 -15.33
C SER A 192 14.45 13.59 -15.85
N TRP A 193 13.29 13.07 -15.44
CA TRP A 193 12.01 13.78 -15.69
C TRP A 193 11.79 15.07 -14.87
N GLY A 194 12.86 15.56 -14.22
CA GLY A 194 12.86 16.86 -13.55
C GLY A 194 12.26 16.84 -12.15
N SER A 195 12.45 15.73 -11.42
CA SER A 195 11.87 15.63 -10.08
C SER A 195 12.50 16.65 -9.17
N GLN A 196 11.75 17.02 -8.12
CA GLN A 196 12.24 17.93 -7.13
C GLN A 196 11.98 17.38 -5.74
N TRP A 197 12.76 17.89 -4.79
CA TRP A 197 12.54 17.62 -3.38
C TRP A 197 11.17 18.13 -2.98
N GLN A 198 10.41 17.28 -2.30
CA GLN A 198 9.07 17.60 -1.80
C GLN A 198 8.99 17.11 -0.37
N SER A 199 8.45 17.92 0.53
CA SER A 199 8.18 17.49 1.88
C SER A 199 7.02 16.48 1.88
N PHE A 200 6.83 15.81 3.00
CA PHE A 200 5.70 14.91 3.15
C PHE A 200 4.39 15.64 2.83
N ASP A 201 4.17 16.86 3.34
CA ASP A 201 2.95 17.61 2.99
CA ASP A 201 2.95 17.61 3.00
C ASP A 201 2.79 17.86 1.52
N GLN A 202 3.86 18.29 0.87
CA GLN A 202 3.80 18.54 -0.55
C GLN A 202 3.42 17.28 -1.29
N VAL A 203 3.89 16.13 -0.83
CA VAL A 203 3.54 14.88 -1.49
C VAL A 203 2.07 14.51 -1.25
N PHE A 204 1.65 14.51 0.01
CA PHE A 204 0.41 13.85 0.43
C PHE A 204 -0.79 14.70 0.64
N SER A 205 -0.65 16.02 0.74
CA SER A 205 -1.78 16.83 1.21
CA SER A 205 -1.79 16.81 1.24
C SER A 205 -3.02 16.74 0.32
N ARG A 206 -2.82 16.80 -0.98
CA ARG A 206 -3.95 16.83 -1.90
C ARG A 206 -4.75 15.54 -1.86
N ALA A 207 -4.06 14.40 -1.92
CA ALA A 207 -4.74 13.12 -1.84
C ALA A 207 -5.43 12.96 -0.50
N TYR A 208 -4.77 13.39 0.56
CA TYR A 208 -5.37 13.28 1.88
C TYR A 208 -6.65 14.09 1.95
N GLN A 209 -6.65 15.30 1.41
CA GLN A 209 -7.85 16.13 1.46
C GLN A 209 -9.01 15.43 0.76
N ALA A 210 -8.75 14.77 -0.36
CA ALA A 210 -9.79 14.05 -1.06
C ALA A 210 -10.31 12.87 -0.23
N LEU A 211 -9.40 12.05 0.30
CA LEU A 211 -9.81 10.88 1.09
C LEU A 211 -10.42 11.24 2.41
N ALA A 212 -10.08 12.42 2.94
CA ALA A 212 -10.60 12.83 4.23
C ALA A 212 -12.11 13.12 4.14
N SER A 213 -12.65 13.26 2.92
CA SER A 213 -14.09 13.39 2.63
CA SER A 213 -14.09 13.40 2.73
C SER A 213 -14.86 12.09 2.76
N ILE A 214 -14.15 10.97 2.96
CA ILE A 214 -14.73 9.64 3.12
C ILE A 214 -14.58 9.25 4.57
N ASN A 215 -15.65 8.67 5.13
CA ASN A 215 -15.68 8.25 6.53
C ASN A 215 -15.09 6.85 6.68
N LYS A 216 -13.82 6.72 6.30
CA LYS A 216 -13.03 5.54 6.45
C LYS A 216 -11.65 5.94 6.95
N PRO A 217 -11.00 5.10 7.78
N PRO A 217 -11.00 5.09 7.73
CA PRO A 217 -9.63 5.41 8.16
CA PRO A 217 -9.63 5.30 8.17
C PRO A 217 -8.68 5.26 6.99
C PRO A 217 -8.65 5.19 7.01
N ILE A 218 -7.53 5.90 7.13
CA ILE A 218 -6.55 6.03 6.05
C ILE A 218 -5.21 5.40 6.42
N ILE A 219 -4.61 4.70 5.48
CA ILE A 219 -3.28 4.12 5.61
C ILE A 219 -2.36 4.84 4.63
N ILE A 220 -1.15 5.18 5.06
CA ILE A 220 -0.09 5.55 4.11
C ILE A 220 0.54 4.20 3.73
N ALA A 221 0.10 3.64 2.61
CA ALA A 221 0.44 2.26 2.22
C ALA A 221 1.85 2.12 1.70
N GLU A 222 2.37 3.19 1.10
CA GLU A 222 3.74 3.25 0.66
C GLU A 222 4.22 4.68 0.79
N PHE A 223 5.36 4.88 1.44
CA PHE A 223 6.04 6.16 1.38
C PHE A 223 7.52 5.95 1.61
N ALA A 224 8.32 6.87 1.07
CA ALA A 224 9.74 6.91 1.29
C ALA A 224 10.26 8.22 0.72
N SER A 225 11.54 8.49 1.00
CA SER A 225 12.26 9.64 0.49
C SER A 225 13.60 9.23 -0.07
N ALA A 226 13.99 9.93 -1.11
CA ALA A 226 15.36 9.92 -1.64
C ALA A 226 16.30 10.61 -0.65
N GLU A 227 17.60 10.42 -0.88
CA GLU A 227 18.67 11.12 -0.22
C GLU A 227 19.07 12.40 -0.93
N ILE A 228 18.84 12.47 -2.23
CA ILE A 228 19.48 13.47 -3.07
C ILE A 228 18.55 14.66 -3.29
N GLY A 229 19.07 15.85 -2.98
CA GLY A 229 18.34 17.10 -3.12
C GLY A 229 17.87 17.70 -1.82
N GLY A 230 18.23 17.10 -0.70
CA GLY A 230 17.74 17.58 0.60
C GLY A 230 18.24 16.69 1.69
N ASN A 231 17.74 16.90 2.88
CA ASN A 231 18.14 16.18 4.07
C ASN A 231 17.08 15.13 4.39
N LYS A 232 17.38 13.89 4.07
CA LYS A 232 16.43 12.81 4.29
C LYS A 232 16.14 12.59 5.77
N ALA A 233 17.13 12.71 6.63
CA ALA A 233 16.90 12.52 8.06
C ALA A 233 15.82 13.49 8.52
N ARG A 234 16.00 14.78 8.22
CA ARG A 234 14.98 15.77 8.60
CA ARG A 234 14.99 15.79 8.58
C ARG A 234 13.62 15.48 7.96
N TRP A 235 13.63 15.03 6.71
CA TRP A 235 12.36 14.71 6.03
C TRP A 235 11.60 13.67 6.82
N ILE A 236 12.32 12.63 7.26
CA ILE A 236 11.70 11.53 8.02
C ILE A 236 11.14 12.06 9.36
N THR A 237 11.91 12.84 10.07
CA THR A 237 11.44 13.42 11.32
C THR A 237 10.16 14.22 11.09
N GLU A 238 10.21 15.08 10.07
CA GLU A 238 9.09 15.93 9.78
C GLU A 238 7.89 15.15 9.27
N ALA A 239 8.10 14.09 8.49
CA ALA A 239 7.00 13.28 7.98
C ALA A 239 6.21 12.66 9.10
N TYR A 240 6.89 12.00 10.03
CA TYR A 240 6.17 11.40 11.13
C TYR A 240 5.50 12.44 12.03
N ASN A 241 6.17 13.57 12.24
CA ASN A 241 5.54 14.67 12.98
CA ASN A 241 5.52 14.62 12.99
C ASN A 241 4.26 15.10 12.28
N SER A 242 4.33 15.28 10.98
CA SER A 242 3.16 15.72 10.24
C SER A 242 2.02 14.72 10.32
N ILE A 243 2.34 13.44 10.20
CA ILE A 243 1.32 12.39 10.28
C ILE A 243 0.60 12.51 11.61
N ARG A 244 1.34 12.65 12.69
CA ARG A 244 0.78 12.70 14.05
CA ARG A 244 0.73 12.66 14.02
C ARG A 244 0.03 13.99 14.32
N THR A 245 0.47 15.07 13.74
CA THR A 245 -0.02 16.41 14.02
CA THR A 245 -0.14 16.34 14.14
C THR A 245 -1.22 16.83 13.20
N SER A 246 -1.17 16.51 11.91
CA SER A 246 -2.10 17.06 10.94
CA SER A 246 -2.16 17.06 10.99
C SER A 246 -2.79 16.07 10.03
N TYR A 247 -2.44 14.79 10.10
CA TYR A 247 -3.08 13.77 9.26
C TYR A 247 -3.81 12.81 10.19
N ASN A 248 -4.77 13.36 10.94
CA ASN A 248 -5.31 12.63 12.06
C ASN A 248 -6.14 11.42 11.69
N LYS A 249 -6.62 11.32 10.45
CA LYS A 249 -7.33 10.15 9.99
C LYS A 249 -6.41 8.99 9.65
N VAL A 250 -5.10 9.24 9.54
CA VAL A 250 -4.14 8.20 9.23
C VAL A 250 -3.90 7.34 10.45
N ILE A 251 -4.07 6.03 10.29
CA ILE A 251 -3.90 5.07 11.37
C ILE A 251 -2.67 4.18 11.22
N ALA A 252 -2.02 4.24 10.07
CA ALA A 252 -0.83 3.40 9.82
C ALA A 252 0.05 4.07 8.79
N ALA A 253 1.35 3.90 8.95
CA ALA A 253 2.35 4.42 8.03
C ALA A 253 3.25 3.26 7.65
N VAL A 254 3.30 2.95 6.36
CA VAL A 254 4.00 1.77 5.87
C VAL A 254 5.10 2.21 4.89
N TRP A 255 6.34 2.18 5.37
CA TRP A 255 7.48 2.60 4.56
C TRP A 255 7.71 1.61 3.44
N PHE A 256 8.32 2.07 2.36
CA PHE A 256 8.74 1.24 1.24
C PHE A 256 10.26 1.15 1.28
N HIS A 257 10.78 0.08 1.86
CA HIS A 257 12.22 -0.08 2.12
C HIS A 257 12.83 -0.92 1.03
N GLU A 258 13.36 -0.28 0.01
CA GLU A 258 14.00 -0.99 -1.09
C GLU A 258 14.91 -0.02 -1.82
N ASN A 259 16.09 -0.49 -2.21
CA ASN A 259 16.96 0.26 -3.08
C ASN A 259 16.54 -0.02 -4.52
N LYS A 260 15.73 0.87 -5.10
CA LYS A 260 15.01 0.57 -6.33
C LYS A 260 15.19 1.73 -7.29
N GLU A 261 14.17 2.54 -7.55
CA GLU A 261 14.29 3.66 -8.45
C GLU A 261 15.31 4.66 -7.91
N THR A 262 15.32 4.81 -6.61
CA THR A 262 16.41 5.45 -5.88
C THR A 262 16.51 4.70 -4.56
N ASP A 263 17.41 5.13 -3.69
CA ASP A 263 17.61 4.43 -2.44
C ASP A 263 16.60 4.86 -1.38
N TRP A 264 15.44 4.21 -1.41
CA TRP A 264 14.34 4.52 -0.51
C TRP A 264 14.59 4.03 0.91
N ARG A 265 15.56 3.11 1.09
CA ARG A 265 15.75 2.41 2.35
C ARG A 265 15.86 3.34 3.54
N ILE A 266 15.39 2.90 4.69
CA ILE A 266 15.58 3.63 5.92
C ILE A 266 17.06 3.78 6.31
N ASN A 267 17.89 2.86 5.82
CA ASN A 267 19.34 2.86 6.03
C ASN A 267 20.11 3.25 4.78
N SER A 268 19.54 4.14 3.96
CA SER A 268 20.29 4.68 2.83
C SER A 268 21.46 5.50 3.30
N SER A 269 21.41 5.99 4.53
CA SER A 269 22.53 6.65 5.19
C SER A 269 22.39 6.40 6.68
N PRO A 270 23.51 6.50 7.43
CA PRO A 270 23.37 6.38 8.89
C PRO A 270 22.46 7.42 9.52
N GLU A 271 22.50 8.63 9.00
CA GLU A 271 21.67 9.70 9.55
C GLU A 271 20.20 9.47 9.30
N ALA A 272 19.85 8.97 8.11
CA ALA A 272 18.45 8.63 7.83
C ALA A 272 17.98 7.57 8.81
N LEU A 273 18.82 6.56 9.04
CA LEU A 273 18.43 5.47 9.91
C LEU A 273 18.19 5.97 11.33
N ALA A 274 19.09 6.78 11.82
CA ALA A 274 18.96 7.30 13.16
C ALA A 274 17.67 8.12 13.28
N ALA A 275 17.35 8.93 12.29
CA ALA A 275 16.13 9.74 12.31
C ALA A 275 14.90 8.82 12.27
N TYR A 276 14.95 7.76 11.48
CA TYR A 276 13.83 6.83 11.37
C TYR A 276 13.57 6.14 12.71
N ARG A 277 14.64 5.66 13.33
CA ARG A 277 14.52 4.99 14.64
C ARG A 277 13.87 5.90 15.67
N GLU A 278 14.29 7.15 15.72
CA GLU A 278 13.72 8.09 16.65
C GLU A 278 12.26 8.46 16.31
N ALA A 279 11.95 8.61 15.02
CA ALA A 279 10.65 9.07 14.58
C ALA A 279 9.57 8.06 14.89
N ILE A 280 9.87 6.77 14.78
CA ILE A 280 8.86 5.77 15.03
C ILE A 280 8.84 5.44 16.53
C2 BGC B . 5.58 -3.13 -7.93
C3 BGC B . 5.58 -4.57 -7.43
C4 BGC B . 6.87 -4.82 -6.68
C5 BGC B . 6.99 -3.79 -5.55
C6 BGC B . 8.25 -3.96 -4.70
C1 BGC B . 5.84 -2.16 -6.80
O1 BGC B . 6.03 -0.88 -7.38
O2 BGC B . 4.35 -2.84 -8.59
O3 BGC B . 5.42 -5.49 -8.49
O4 BGC B . 6.84 -6.12 -6.13
O5 BGC B . 7.03 -2.48 -6.14
O6 BGC B . 9.41 -3.74 -5.54
O4 NOY C . 8.30 0.71 -6.89
C4 NOY C . 6.98 1.26 -7.04
C3 NOY C . 5.98 0.23 -6.50
C2 NOY C . 4.54 0.79 -6.55
N NOY C . 4.45 2.12 -5.92
C7 NOY C . 5.42 3.10 -6.44
C5 NOY C . 6.84 2.56 -6.24
C6 NOY C . 7.87 3.64 -6.64
O2 NOY C . 3.62 -0.05 -5.87
O6 NOY C . 7.78 4.01 -8.00
#